data_7R1O
#
_entry.id   7R1O
#
_cell.length_a   124.070
_cell.length_b   25.150
_cell.length_c   77.530
_cell.angle_alpha   90.000
_cell.angle_beta   124.915
_cell.angle_gamma   90.000
#
_symmetry.space_group_name_H-M   'C 1 2 1'
#
loop_
_entity.id
_entity.type
_entity.pdbx_description
1 polymer Sequestosome-1
2 polymer Dusquetide
3 non-polymer 'ZINC ION'
4 water water
#
loop_
_entity_poly.entity_id
_entity_poly.type
_entity_poly.pdbx_seq_one_letter_code
_entity_poly.pdbx_strand_id
1 'polypeptide(L)' NMVHPNVICDGCNGPVVGTRYKCSVCPDYDLCSVCEGKGLHRGHTKLAFPSPF AAA,BBB,CCC,DDD
2 'polypeptide(L)' RIVPA EEE,FFF
#
loop_
_chem_comp.id
_chem_comp.type
_chem_comp.name
_chem_comp.formula
ZN non-polymer 'ZINC ION' 'Zn 2'
#
# COMPACT_ATOMS: atom_id res chain seq x y z
N ASN A 1 17.23 -8.61 3.24
CA ASN A 1 16.60 -8.31 4.54
C ASN A 1 16.99 -6.91 5.00
N MET A 2 16.00 -6.14 5.44
CA MET A 2 16.14 -4.79 6.03
C MET A 2 15.48 -4.76 7.40
N VAL A 3 15.96 -3.87 8.26
CA VAL A 3 15.37 -3.58 9.58
C VAL A 3 14.09 -2.74 9.38
N HIS A 4 12.97 -3.14 9.96
CA HIS A 4 11.74 -2.32 9.96
C HIS A 4 11.88 -1.34 11.12
N PRO A 5 12.09 -0.04 10.84
CA PRO A 5 12.48 0.91 11.89
C PRO A 5 11.47 0.99 13.04
N ASN A 6 11.94 1.15 14.27
CA ASN A 6 11.05 1.40 15.44
C ASN A 6 10.04 0.28 15.65
N VAL A 7 10.29 -0.87 15.07
CA VAL A 7 9.39 -2.04 15.27
C VAL A 7 10.12 -3.02 16.20
N ILE A 8 9.45 -3.42 17.28
CA ILE A 8 9.99 -4.50 18.15
C ILE A 8 9.06 -5.71 18.07
N CYS A 9 9.62 -6.94 18.14
CA CYS A 9 8.82 -8.20 18.10
C CYS A 9 8.12 -8.43 19.46
N ASP A 10 6.84 -8.74 19.42
CA ASP A 10 6.01 -9.01 20.63
C ASP A 10 6.04 -10.49 21.02
N GLY A 11 6.77 -11.29 20.23
CA GLY A 11 7.10 -12.69 20.53
C GLY A 11 8.42 -12.83 21.27
N CYS A 12 9.50 -12.18 20.84
CA CYS A 12 10.88 -12.38 21.37
C CYS A 12 11.57 -11.09 21.84
N ASN A 13 10.96 -9.91 21.64
CA ASN A 13 11.43 -8.56 22.00
C ASN A 13 12.67 -8.15 21.19
N GLY A 14 13.03 -8.88 20.17
CA GLY A 14 14.12 -8.53 19.25
C GLY A 14 13.65 -7.52 18.24
N PRO A 15 14.55 -7.12 17.31
CA PRO A 15 14.14 -6.30 16.16
C PRO A 15 13.37 -7.18 15.18
N VAL A 16 12.78 -6.54 14.17
CA VAL A 16 12.01 -7.14 13.06
C VAL A 16 12.83 -6.86 11.77
N VAL A 17 13.58 -7.86 11.35
CA VAL A 17 14.53 -7.81 10.20
C VAL A 17 13.99 -8.77 9.13
N GLY A 18 13.84 -8.28 7.89
CA GLY A 18 13.25 -9.06 6.81
C GLY A 18 11.76 -8.80 6.77
N THR A 19 10.95 -9.84 6.88
CA THR A 19 9.47 -9.70 6.76
C THR A 19 8.90 -9.32 8.12
N ARG A 20 8.08 -8.28 8.13
CA ARG A 20 7.31 -7.86 9.32
C ARG A 20 5.88 -8.43 9.25
N TYR A 21 5.50 -9.20 10.27
CA TYR A 21 4.16 -9.84 10.40
C TYR A 21 3.37 -8.94 11.34
N LYS A 22 2.64 -7.98 10.76
CA LYS A 22 1.91 -6.99 11.59
C LYS A 22 0.46 -7.45 11.73
N CYS A 23 -0.02 -7.57 12.96
CA CYS A 23 -1.42 -8.05 13.20
C CYS A 23 -2.35 -7.01 12.58
N SER A 24 -3.38 -7.42 11.85
CA SER A 24 -4.44 -6.52 11.33
C SER A 24 -5.51 -6.21 12.38
N VAL A 25 -5.62 -7.00 13.44
CA VAL A 25 -6.79 -6.93 14.35
C VAL A 25 -6.42 -6.04 15.54
N CYS A 26 -5.34 -6.40 16.24
CA CYS A 26 -4.79 -5.67 17.41
C CYS A 26 -4.28 -4.35 16.87
N PRO A 27 -4.37 -3.26 17.66
CA PRO A 27 -3.76 -1.98 17.27
C PRO A 27 -2.24 -2.01 17.08
N ASP A 28 -1.43 -2.77 17.84
CA ASP A 28 0.04 -2.48 17.89
C ASP A 28 0.86 -3.73 18.22
N TYR A 29 0.69 -4.80 17.41
CA TYR A 29 1.29 -6.13 17.67
C TYR A 29 2.00 -6.59 16.40
N ASP A 30 3.24 -7.05 16.52
CA ASP A 30 4.11 -7.44 15.39
C ASP A 30 4.97 -8.66 15.73
N LEU A 31 5.24 -9.52 14.77
CA LEU A 31 6.17 -10.69 14.90
C LEU A 31 7.27 -10.59 13.85
N CYS A 32 8.51 -10.87 14.26
CA CYS A 32 9.64 -11.24 13.38
C CYS A 32 9.28 -12.59 12.76
N SER A 33 9.94 -12.99 11.68
CA SER A 33 9.67 -14.22 10.87
C SER A 33 9.97 -15.49 11.68
N VAL A 34 10.87 -15.42 12.66
CA VAL A 34 11.17 -16.55 13.56
C VAL A 34 9.94 -16.75 14.48
N CYS A 35 9.43 -15.70 15.12
CA CYS A 35 8.25 -15.84 16.02
C CYS A 35 7.00 -16.20 15.19
N GLU A 36 6.87 -15.67 13.97
CA GLU A 36 5.76 -16.08 13.06
C GLU A 36 5.87 -17.57 12.71
N GLY A 37 7.08 -18.04 12.45
CA GLY A 37 7.40 -19.43 12.07
C GLY A 37 7.11 -20.40 13.19
N LYS A 38 7.18 -19.92 14.45
CA LYS A 38 6.93 -20.77 15.65
C LYS A 38 5.44 -20.85 15.94
N GLY A 39 4.60 -20.07 15.27
CA GLY A 39 3.12 -20.19 15.39
C GLY A 39 2.57 -19.32 16.50
N LEU A 40 3.28 -18.25 16.90
CA LEU A 40 2.71 -17.28 17.87
C LEU A 40 1.58 -16.49 17.16
N HIS A 41 0.52 -16.24 17.91
CA HIS A 41 -0.56 -15.29 17.59
C HIS A 41 -1.28 -15.72 16.30
N ARG A 42 -1.65 -16.99 16.16
CA ARG A 42 -2.17 -17.51 14.86
C ARG A 42 -3.69 -17.39 14.80
N GLY A 43 -4.33 -16.86 15.85
CA GLY A 43 -5.78 -16.58 15.92
C GLY A 43 -6.18 -15.34 15.15
N HIS A 44 -5.24 -14.50 14.74
CA HIS A 44 -5.54 -13.20 14.08
C HIS A 44 -4.89 -13.10 12.69
N THR A 45 -5.65 -12.61 11.75
CA THR A 45 -5.14 -12.20 10.42
C THR A 45 -4.04 -11.14 10.59
N LYS A 46 -2.99 -11.23 9.77
CA LYS A 46 -1.81 -10.31 9.72
C LYS A 46 -1.50 -9.90 8.29
N LEU A 47 -0.77 -8.79 8.16
CA LEU A 47 -0.07 -8.32 6.94
C LEU A 47 1.41 -8.71 7.03
N ALA A 48 1.92 -9.32 5.98
CA ALA A 48 3.31 -9.76 5.92
C ALA A 48 4.04 -8.80 4.98
N PHE A 49 4.86 -7.90 5.54
CA PHE A 49 5.56 -6.80 4.81
C PHE A 49 7.02 -7.17 4.64
N PRO A 50 7.45 -7.59 3.44
CA PRO A 50 8.83 -8.06 3.21
C PRO A 50 9.91 -6.98 3.44
N SER A 51 9.52 -5.72 3.39
CA SER A 51 10.44 -4.59 3.62
C SER A 51 9.67 -3.38 4.10
N PRO A 52 10.36 -2.42 4.72
CA PRO A 52 9.70 -1.20 5.19
C PRO A 52 9.12 -0.33 4.08
N PHE A 53 9.77 -0.26 2.92
CA PHE A 53 9.32 0.64 1.84
C PHE A 53 9.20 -0.12 0.52
N PRO B 5 -11.66 -26.50 1.72
CA PRO B 5 -11.80 -25.70 0.48
C PRO B 5 -10.45 -25.55 -0.26
N ASN B 6 -10.37 -26.05 -1.51
CA ASN B 6 -9.18 -26.58 -2.25
C ASN B 6 -8.06 -25.53 -2.39
N VAL B 7 -7.33 -25.25 -1.29
CA VAL B 7 -6.18 -24.29 -1.25
C VAL B 7 -4.85 -25.01 -1.42
N ILE B 8 -4.16 -24.77 -2.54
CA ILE B 8 -2.84 -25.41 -2.77
C ILE B 8 -1.76 -24.33 -2.88
N CYS B 9 -0.65 -24.53 -2.16
CA CYS B 9 0.56 -23.68 -2.13
C CYS B 9 1.20 -23.55 -3.53
N ASP B 10 1.42 -22.31 -4.01
CA ASP B 10 2.00 -22.01 -5.34
C ASP B 10 3.53 -21.93 -5.27
N GLY B 11 4.13 -22.40 -4.18
CA GLY B 11 5.61 -22.47 -4.01
C GLY B 11 6.15 -23.85 -4.36
N CYS B 12 5.53 -24.88 -3.78
CA CYS B 12 5.93 -26.31 -3.74
C CYS B 12 4.80 -27.22 -4.22
N ASN B 13 3.62 -26.66 -4.44
CA ASN B 13 2.39 -27.38 -4.88
C ASN B 13 1.93 -28.38 -3.79
N GLY B 14 2.42 -28.28 -2.56
CA GLY B 14 1.89 -29.07 -1.43
C GLY B 14 0.61 -28.47 -0.83
N PRO B 15 0.15 -29.03 0.32
CA PRO B 15 -1.06 -28.54 1.01
C PRO B 15 -0.84 -27.30 1.89
N VAL B 16 -1.86 -26.45 2.05
CA VAL B 16 -1.76 -25.28 2.96
C VAL B 16 -2.58 -25.55 4.22
N VAL B 17 -1.85 -25.87 5.30
CA VAL B 17 -2.36 -26.27 6.65
C VAL B 17 -1.76 -25.27 7.64
N GLY B 18 -2.51 -24.90 8.67
CA GLY B 18 -2.13 -23.78 9.55
C GLY B 18 -2.16 -22.52 8.71
N THR B 19 -1.24 -21.59 8.91
CA THR B 19 -1.36 -20.25 8.32
C THR B 19 -1.20 -20.29 6.79
N ARG B 20 -2.17 -19.68 6.13
CA ARG B 20 -2.22 -19.47 4.67
C ARG B 20 -1.63 -18.07 4.40
N TYR B 21 -0.71 -17.96 3.45
CA TYR B 21 -0.11 -16.67 3.09
C TYR B 21 -0.56 -16.31 1.69
N LYS B 22 -1.57 -15.44 1.59
CA LYS B 22 -2.21 -15.07 0.33
C LYS B 22 -1.54 -13.78 -0.17
N CYS B 23 -1.02 -13.77 -1.39
CA CYS B 23 -0.47 -12.56 -1.99
C CYS B 23 -1.59 -11.54 -2.11
N SER B 24 -1.25 -10.27 -1.87
CA SER B 24 -2.14 -9.10 -1.81
C SER B 24 -2.23 -8.48 -3.19
N VAL B 25 -1.38 -8.92 -4.12
CA VAL B 25 -1.19 -8.37 -5.51
C VAL B 25 -1.66 -9.40 -6.55
N CYS B 26 -1.03 -10.58 -6.56
CA CYS B 26 -1.26 -11.65 -7.55
C CYS B 26 -2.57 -12.37 -7.22
N PRO B 27 -3.49 -12.44 -8.18
CA PRO B 27 -4.86 -12.83 -7.89
C PRO B 27 -5.04 -14.12 -7.08
N ASP B 28 -4.63 -15.30 -7.54
CA ASP B 28 -5.09 -16.55 -6.88
C ASP B 28 -3.83 -17.30 -6.44
N TYR B 29 -3.02 -16.64 -5.61
CA TYR B 29 -1.67 -17.08 -5.20
C TYR B 29 -1.60 -17.21 -3.68
N ASP B 30 -1.12 -18.37 -3.20
CA ASP B 30 -0.99 -18.74 -1.76
C ASP B 30 0.31 -19.49 -1.50
N LEU B 31 0.80 -19.43 -0.26
CA LEU B 31 2.00 -20.20 0.21
C LEU B 31 1.69 -20.88 1.53
N CYS B 32 2.23 -22.10 1.72
CA CYS B 32 2.36 -22.75 3.05
C CYS B 32 3.28 -21.92 3.92
N SER B 33 3.38 -22.26 5.20
CA SER B 33 4.27 -21.60 6.18
C SER B 33 5.74 -21.94 5.86
N VAL B 34 6.04 -23.08 5.22
CA VAL B 34 7.42 -23.50 4.86
C VAL B 34 7.93 -22.61 3.73
N CYS B 35 7.18 -22.52 2.63
CA CYS B 35 7.53 -21.67 1.47
C CYS B 35 7.63 -20.21 1.91
N GLU B 36 6.82 -19.80 2.90
CA GLU B 36 6.88 -18.41 3.43
C GLU B 36 8.21 -18.31 4.22
N GLY B 37 8.47 -19.24 5.18
CA GLY B 37 9.78 -19.34 5.88
C GLY B 37 10.98 -19.25 4.92
N LYS B 38 10.95 -20.03 3.84
CA LYS B 38 12.05 -20.15 2.84
C LYS B 38 12.22 -18.85 2.04
N GLY B 39 11.19 -18.00 1.95
CA GLY B 39 11.31 -16.64 1.39
C GLY B 39 10.97 -16.62 -0.09
N LEU B 40 10.13 -17.55 -0.52
CA LEU B 40 9.53 -17.51 -1.89
C LEU B 40 8.56 -16.32 -2.00
N HIS B 41 8.44 -15.81 -3.21
CA HIS B 41 7.51 -14.74 -3.61
C HIS B 41 7.73 -13.55 -2.67
N ARG B 42 8.96 -13.25 -2.27
CA ARG B 42 9.19 -12.31 -1.13
C ARG B 42 9.06 -10.86 -1.59
N GLY B 43 8.89 -10.59 -2.88
CA GLY B 43 8.62 -9.23 -3.39
C GLY B 43 7.26 -8.66 -2.95
N HIS B 44 6.27 -9.49 -2.68
CA HIS B 44 4.87 -9.04 -2.49
C HIS B 44 4.48 -9.17 -1.03
N THR B 45 3.77 -8.17 -0.56
CA THR B 45 3.07 -8.20 0.74
C THR B 45 2.01 -9.32 0.66
N LYS B 46 1.87 -10.06 1.74
CA LYS B 46 0.88 -11.16 1.81
C LYS B 46 -0.10 -10.85 2.94
N LEU B 47 -1.29 -11.44 2.88
CA LEU B 47 -2.26 -11.49 4.02
C LEU B 47 -2.08 -12.88 4.61
N ALA B 48 -1.82 -12.94 5.92
CA ALA B 48 -1.70 -14.21 6.65
C ALA B 48 -3.10 -14.52 7.20
N PHE B 49 -3.62 -15.69 6.90
CA PHE B 49 -4.97 -16.11 7.35
C PHE B 49 -4.81 -17.37 8.18
N PRO B 50 -5.28 -17.37 9.43
CA PRO B 50 -5.38 -18.60 10.22
C PRO B 50 -6.16 -19.75 9.53
N SER B 51 -5.70 -21.01 9.55
CA SER B 51 -6.52 -22.16 9.07
C SER B 51 -7.55 -22.53 10.13
N PRO B 52 -8.74 -23.05 9.73
CA PRO B 52 -9.62 -23.75 10.68
C PRO B 52 -9.04 -25.12 11.06
N MET C 2 -4.14 24.87 -18.52
CA MET C 2 -5.27 25.85 -18.50
C MET C 2 -6.15 25.57 -17.27
N VAL C 3 -7.17 26.41 -17.07
CA VAL C 3 -7.96 26.50 -15.79
C VAL C 3 -9.17 25.55 -15.86
N HIS C 4 -9.65 25.13 -14.69
CA HIS C 4 -10.94 24.42 -14.50
C HIS C 4 -12.04 25.47 -14.32
N PRO C 5 -12.92 25.64 -15.33
CA PRO C 5 -14.02 26.60 -15.24
C PRO C 5 -14.99 26.20 -14.11
N ASN C 6 -15.44 27.16 -13.31
CA ASN C 6 -16.51 27.01 -12.29
C ASN C 6 -16.00 26.31 -11.00
N VAL C 7 -14.78 25.78 -11.01
CA VAL C 7 -14.24 24.96 -9.89
C VAL C 7 -13.54 25.89 -8.91
N ILE C 8 -14.08 26.02 -7.70
CA ILE C 8 -13.40 26.68 -6.55
C ILE C 8 -12.88 25.57 -5.62
N CYS C 9 -11.62 25.65 -5.21
CA CYS C 9 -10.94 24.70 -4.30
C CYS C 9 -11.54 24.83 -2.91
N ASP C 10 -11.90 23.70 -2.32
CA ASP C 10 -12.67 23.64 -1.04
C ASP C 10 -11.65 23.74 0.13
N GLY C 11 -10.35 23.75 -0.18
CA GLY C 11 -9.27 23.78 0.82
C GLY C 11 -8.83 25.21 1.14
N CYS C 12 -8.65 26.04 0.10
CA CYS C 12 -8.09 27.41 0.18
C CYS C 12 -9.00 28.43 -0.53
N ASN C 13 -10.17 28.02 -1.02
CA ASN C 13 -11.25 28.90 -1.57
C ASN C 13 -10.80 29.61 -2.87
N GLY C 14 -9.64 29.27 -3.39
CA GLY C 14 -9.07 29.86 -4.61
C GLY C 14 -9.31 28.98 -5.83
N PRO C 15 -8.62 29.27 -6.96
CA PRO C 15 -8.98 28.66 -8.24
C PRO C 15 -8.26 27.31 -8.38
N VAL C 16 -8.64 26.52 -9.38
CA VAL C 16 -8.06 25.19 -9.72
C VAL C 16 -7.47 25.24 -11.14
N VAL C 17 -6.14 25.25 -11.23
CA VAL C 17 -5.35 25.44 -12.49
C VAL C 17 -4.38 24.27 -12.64
N GLY C 18 -4.32 23.66 -13.82
CA GLY C 18 -3.57 22.40 -14.06
C GLY C 18 -4.43 21.22 -13.68
N THR C 19 -4.02 20.41 -12.70
CA THR C 19 -4.75 19.16 -12.32
C THR C 19 -5.81 19.43 -11.24
N ARG C 20 -7.05 19.02 -11.52
CA ARG C 20 -8.19 19.05 -10.56
C ARG C 20 -8.30 17.71 -9.81
N TYR C 21 -8.44 17.78 -8.47
CA TYR C 21 -8.64 16.60 -7.59
C TYR C 21 -10.03 16.67 -6.98
N LYS C 22 -10.89 15.73 -7.37
CA LYS C 22 -12.33 15.69 -7.01
C LYS C 22 -12.56 14.47 -6.14
N CYS C 23 -13.10 14.70 -4.96
CA CYS C 23 -13.47 13.62 -4.03
C CYS C 23 -14.45 12.67 -4.70
N SER C 24 -14.17 11.36 -4.55
CA SER C 24 -15.03 10.24 -4.98
C SER C 24 -16.15 9.96 -3.97
N VAL C 25 -16.12 10.55 -2.78
CA VAL C 25 -17.14 10.25 -1.73
C VAL C 25 -18.07 11.45 -1.52
N CYS C 26 -17.50 12.66 -1.45
CA CYS C 26 -18.21 13.91 -1.11
C CYS C 26 -18.72 14.54 -2.40
N PRO C 27 -19.97 15.03 -2.45
CA PRO C 27 -20.56 15.56 -3.69
C PRO C 27 -19.79 16.67 -4.43
N ASP C 28 -19.57 17.83 -3.80
CA ASP C 28 -19.28 19.06 -4.58
C ASP C 28 -17.80 19.43 -4.44
N TYR C 29 -16.93 18.48 -4.12
CA TYR C 29 -15.66 18.75 -3.40
C TYR C 29 -14.42 18.55 -4.29
N ASP C 30 -13.61 19.61 -4.38
CA ASP C 30 -12.38 19.64 -5.23
C ASP C 30 -11.27 20.41 -4.52
N LEU C 31 -10.04 19.99 -4.80
CA LEU C 31 -8.81 20.64 -4.30
C LEU C 31 -7.92 21.03 -5.49
N CYS C 32 -7.18 22.12 -5.34
CA CYS C 32 -6.08 22.53 -6.24
C CYS C 32 -4.85 21.66 -5.90
N SER C 33 -3.86 21.63 -6.79
CA SER C 33 -2.59 20.88 -6.54
C SER C 33 -1.95 21.25 -5.20
N VAL C 34 -1.97 22.52 -4.75
CA VAL C 34 -1.23 22.94 -3.53
C VAL C 34 -1.90 22.30 -2.30
N CYS C 35 -3.22 22.45 -2.14
CA CYS C 35 -3.94 21.86 -1.00
C CYS C 35 -3.83 20.33 -1.07
N GLU C 36 -3.83 19.74 -2.27
CA GLU C 36 -3.66 18.28 -2.49
C GLU C 36 -2.26 17.85 -2.02
N GLY C 37 -1.21 18.45 -2.57
CA GLY C 37 0.19 18.30 -2.11
C GLY C 37 0.33 18.41 -0.59
N LYS C 38 -0.30 19.41 0.04
CA LYS C 38 -0.17 19.67 1.50
C LYS C 38 -0.70 18.46 2.27
N GLY C 39 -1.67 17.75 1.68
CA GLY C 39 -2.30 16.55 2.24
C GLY C 39 -3.65 16.84 2.87
N LEU C 40 -4.39 17.84 2.38
CA LEU C 40 -5.79 18.11 2.83
C LEU C 40 -6.71 17.03 2.26
N HIS C 41 -7.71 16.58 3.04
CA HIS C 41 -8.78 15.65 2.61
C HIS C 41 -8.17 14.30 2.23
N ARG C 42 -7.16 13.82 2.93
CA ARG C 42 -6.31 12.69 2.44
C ARG C 42 -6.97 11.36 2.81
N GLY C 43 -8.11 11.38 3.51
CA GLY C 43 -8.86 10.19 3.90
C GLY C 43 -9.72 9.62 2.79
N HIS C 44 -10.13 10.41 1.79
CA HIS C 44 -10.98 9.91 0.68
C HIS C 44 -10.21 9.79 -0.67
N THR C 45 -10.48 8.73 -1.43
CA THR C 45 -10.00 8.59 -2.81
C THR C 45 -10.49 9.80 -3.63
N LYS C 46 -9.59 10.40 -4.44
CA LYS C 46 -9.92 11.53 -5.35
C LYS C 46 -9.63 11.15 -6.81
N LEU C 47 -10.40 11.71 -7.73
CA LEU C 47 -10.18 11.60 -9.18
C LEU C 47 -9.32 12.82 -9.54
N ALA C 48 -8.15 12.61 -10.14
CA ALA C 48 -7.23 13.64 -10.67
C ALA C 48 -7.53 13.84 -12.17
N PHE C 49 -8.01 15.02 -12.53
CA PHE C 49 -8.44 15.33 -13.91
C PHE C 49 -7.49 16.35 -14.54
N PRO C 50 -6.92 16.02 -15.72
CA PRO C 50 -6.25 16.99 -16.58
C PRO C 50 -7.05 18.23 -16.98
N SER C 51 -6.36 19.31 -17.34
CA SER C 51 -6.96 20.42 -18.11
C SER C 51 -7.15 19.94 -19.55
N PRO C 52 -7.96 20.61 -20.39
CA PRO C 52 -8.95 21.58 -19.94
C PRO C 52 -10.37 20.98 -19.92
N ASN D 1 -0.79 8.50 6.57
CA ASN D 1 0.47 8.92 5.96
C ASN D 1 1.45 7.77 6.15
N MET D 2 1.37 6.78 5.26
CA MET D 2 2.01 5.46 5.40
C MET D 2 2.27 4.91 3.99
N VAL D 3 3.08 3.87 3.96
CA VAL D 3 3.60 3.22 2.74
C VAL D 3 2.47 2.52 1.99
N HIS D 4 2.44 2.70 0.67
CA HIS D 4 1.73 1.78 -0.27
C HIS D 4 2.66 0.61 -0.56
N PRO D 5 2.51 -0.52 0.17
CA PRO D 5 3.33 -1.70 -0.10
C PRO D 5 3.15 -2.06 -1.58
N ASN D 6 4.25 -2.52 -2.18
CA ASN D 6 4.30 -3.22 -3.48
C ASN D 6 4.55 -2.19 -4.59
N VAL D 7 4.51 -0.87 -4.29
CA VAL D 7 4.35 0.23 -5.29
C VAL D 7 5.67 1.01 -5.42
N ILE D 8 6.12 1.13 -6.66
CA ILE D 8 7.29 1.98 -7.01
C ILE D 8 6.76 3.11 -7.89
N CYS D 9 7.11 4.36 -7.57
CA CYS D 9 6.84 5.57 -8.41
C CYS D 9 7.66 5.49 -9.71
N ASP D 10 6.97 5.66 -10.85
CA ASP D 10 7.53 5.56 -12.22
C ASP D 10 8.12 6.90 -12.69
N GLY D 11 8.07 7.92 -11.86
CA GLY D 11 8.76 9.21 -12.11
C GLY D 11 10.09 9.30 -11.38
N CYS D 12 10.20 8.87 -10.10
CA CYS D 12 11.44 9.00 -9.29
C CYS D 12 12.07 7.65 -8.86
N ASN D 13 11.44 6.53 -9.15
CA ASN D 13 11.79 5.13 -8.71
C ASN D 13 11.85 5.00 -7.17
N GLY D 14 11.34 5.95 -6.43
CA GLY D 14 11.28 5.79 -4.96
C GLY D 14 9.98 5.09 -4.55
N PRO D 15 9.75 5.00 -3.23
CA PRO D 15 8.52 4.42 -2.71
C PRO D 15 7.37 5.42 -2.86
N VAL D 16 6.14 4.95 -2.61
CA VAL D 16 4.90 5.76 -2.63
C VAL D 16 4.34 5.74 -1.21
N VAL D 17 4.44 6.88 -0.54
CA VAL D 17 4.18 7.15 0.88
C VAL D 17 3.22 8.33 0.95
N GLY D 18 2.13 8.23 1.72
CA GLY D 18 1.02 9.21 1.74
C GLY D 18 -0.06 8.84 0.72
N THR D 19 -0.21 9.65 -0.32
CA THR D 19 -1.23 9.43 -1.39
C THR D 19 -0.59 8.82 -2.64
N ARG D 20 -1.19 7.74 -3.12
CA ARG D 20 -0.73 7.04 -4.34
C ARG D 20 -1.52 7.54 -5.53
N TYR D 21 -0.87 8.10 -6.53
CA TYR D 21 -1.51 8.57 -7.78
C TYR D 21 -1.37 7.46 -8.79
N LYS D 22 -2.36 6.56 -8.83
CA LYS D 22 -2.39 5.46 -9.83
C LYS D 22 -3.02 5.93 -11.16
N CYS D 23 -2.35 5.77 -12.29
CA CYS D 23 -3.00 6.07 -13.59
C CYS D 23 -4.22 5.18 -13.81
N SER D 24 -5.35 5.75 -14.21
CA SER D 24 -6.60 4.98 -14.49
CA SER D 24 -6.60 4.98 -14.50
C SER D 24 -6.62 4.48 -15.94
N VAL D 25 -5.66 4.93 -16.79
CA VAL D 25 -5.65 4.61 -18.24
C VAL D 25 -4.66 3.48 -18.53
N CYS D 26 -3.37 3.72 -18.27
CA CYS D 26 -2.27 2.73 -18.31
C CYS D 26 -2.59 1.56 -17.37
N PRO D 27 -2.14 0.33 -17.70
CA PRO D 27 -2.33 -0.81 -16.82
C PRO D 27 -1.59 -0.66 -15.47
N ASP D 28 -0.37 -0.10 -15.42
CA ASP D 28 0.47 -0.29 -14.20
C ASP D 28 1.42 0.88 -13.99
N TYR D 29 0.89 2.09 -14.00
CA TYR D 29 1.64 3.37 -13.84
C TYR D 29 1.20 4.08 -12.56
N ASP D 30 2.15 4.53 -11.74
CA ASP D 30 1.91 5.13 -10.39
C ASP D 30 2.91 6.24 -10.10
N LEU D 31 2.47 7.35 -9.50
CA LEU D 31 3.40 8.44 -9.01
C LEU D 31 3.24 8.61 -7.48
N CYS D 32 4.34 8.90 -6.78
CA CYS D 32 4.32 9.53 -5.43
C CYS D 32 3.74 10.95 -5.52
N SER D 33 3.53 11.62 -4.39
CA SER D 33 2.84 12.94 -4.42
C SER D 33 3.82 14.02 -4.91
N VAL D 34 5.11 13.78 -4.78
CA VAL D 34 6.14 14.77 -5.22
C VAL D 34 6.20 14.67 -6.75
N CYS D 35 6.20 13.49 -7.36
CA CYS D 35 6.24 13.39 -8.86
C CYS D 35 4.91 13.91 -9.45
N GLU D 36 3.79 13.63 -8.78
CA GLU D 36 2.46 14.14 -9.16
C GLU D 36 2.49 15.68 -9.18
N GLY D 37 2.95 16.29 -8.10
CA GLY D 37 3.00 17.75 -7.92
C GLY D 37 3.82 18.47 -8.99
N LYS D 38 4.88 17.85 -9.53
CA LYS D 38 5.77 18.45 -10.59
C LYS D 38 5.17 18.29 -11.98
N GLY D 39 4.02 17.63 -12.14
CA GLY D 39 3.31 17.63 -13.42
C GLY D 39 3.62 16.42 -14.28
N LEU D 40 4.29 15.39 -13.73
CA LEU D 40 4.57 14.16 -14.53
C LEU D 40 3.24 13.55 -14.99
N HIS D 41 3.18 13.04 -16.24
CA HIS D 41 2.06 12.19 -16.73
C HIS D 41 0.74 12.96 -16.52
N ARG D 42 0.79 14.26 -16.80
CA ARG D 42 -0.30 15.25 -16.68
C ARG D 42 -1.49 14.87 -17.57
N GLY D 43 -1.31 14.09 -18.64
CA GLY D 43 -2.35 13.86 -19.67
C GLY D 43 -3.26 12.65 -19.44
N HIS D 44 -3.05 11.85 -18.40
CA HIS D 44 -3.98 10.75 -18.04
C HIS D 44 -4.71 11.05 -16.73
N THR D 45 -6.01 10.69 -16.68
CA THR D 45 -6.78 10.72 -15.41
CA THR D 45 -6.80 10.70 -15.41
C THR D 45 -6.20 9.64 -14.49
N LYS D 46 -6.24 9.90 -13.20
CA LYS D 46 -5.61 9.09 -12.13
C LYS D 46 -6.60 8.87 -11.01
N LEU D 47 -6.35 7.88 -10.16
CA LEU D 47 -6.99 7.82 -8.80
C LEU D 47 -5.95 8.13 -7.73
N ALA D 48 -6.31 8.99 -6.77
CA ALA D 48 -5.48 9.41 -5.63
C ALA D 48 -5.96 8.62 -4.43
N PHE D 49 -5.23 7.55 -4.09
CA PHE D 49 -5.61 6.58 -3.05
C PHE D 49 -4.91 6.91 -1.75
N PRO D 50 -5.65 6.89 -0.63
CA PRO D 50 -5.06 7.03 0.69
C PRO D 50 -4.24 5.77 1.03
N SER D 51 -3.30 5.94 1.95
CA SER D 51 -2.47 4.88 2.56
C SER D 51 -3.38 3.68 2.84
N PRO D 52 -3.03 2.45 2.40
CA PRO D 52 -3.95 1.31 2.55
C PRO D 52 -4.11 0.79 3.99
N PHE D 53 -3.04 0.63 4.75
CA PHE D 53 -3.14 -0.18 5.99
C PHE D 53 -2.92 0.69 7.23
N ARG E 1 4.28 1.59 -10.63
CA ARG E 1 4.18 0.15 -10.97
C ARG E 1 4.13 -0.72 -9.71
N ILE E 2 3.68 -1.96 -9.88
CA ILE E 2 3.76 -3.06 -8.88
C ILE E 2 5.10 -3.76 -9.08
N VAL E 3 5.87 -3.86 -8.00
CA VAL E 3 7.21 -4.51 -8.03
C VAL E 3 7.03 -5.99 -8.39
N PRO E 4 8.03 -6.64 -9.06
CA PRO E 4 8.07 -8.10 -9.20
C PRO E 4 8.10 -8.85 -7.87
N ALA E 5 7.47 -10.04 -7.85
CA ALA E 5 7.53 -11.04 -6.76
C ALA E 5 8.97 -11.54 -6.59
N ARG F 1 5.25 -4.29 18.08
CA ARG F 1 4.83 -2.94 18.57
C ARG F 1 5.73 -1.85 18.00
N ILE F 2 5.25 -0.62 18.00
CA ILE F 2 6.05 0.56 17.60
C ILE F 2 6.65 1.14 18.85
N VAL F 3 7.96 1.41 18.79
CA VAL F 3 8.64 2.23 19.82
C VAL F 3 8.97 3.56 19.17
N PRO F 4 8.00 4.52 19.15
CA PRO F 4 8.19 5.81 18.50
C PRO F 4 8.93 6.73 19.48
ZN ZN G . 10.45 -12.49 17.37
ZN ZN H . -3.70 -9.61 17.09
ZN ZN I . 4.69 -24.52 0.01
ZN ZN J . 2.40 -11.80 -5.72
ZN ZN K . -6.38 24.99 -2.78
ZN ZN L . -14.39 13.41 0.59
ZN ZN M . 8.14 9.93 -7.34
ZN ZN N . -1.23 6.81 -17.95
#